data_5UMP
#
_entry.id   5UMP
#
_cell.length_a   45.630
_cell.length_b   67.820
_cell.length_c   83.868
_cell.angle_alpha   90.00
_cell.angle_beta   90.00
_cell.angle_gamma   90.00
#
_symmetry.space_group_name_H-M   'P 21 21 21'
#
loop_
_entity.id
_entity.type
_entity.pdbx_description
1 polymer 'Glyoxalase/bleomycin resisance protein/dioxygenase'
2 water water
#
_entity_poly.entity_id   1
_entity_poly.type   'polypeptide(L)'
_entity_poly.pdbx_seq_one_letter_code
;HHHHHHSSGLVPRGSHMAISHVQLFSVPVSDQEKAKDFYVETVGFDLLADQPGVHGRWLQVAPKGADTSLVLVDWFPTMP
PGSLRGLLLRTDDVDADCARLQERGVAVDGPKNTPWGRQAMFSDPDGNVIGLNQPSASAG
;
_entity_poly.pdbx_strand_id   A,B
#
# COMPACT_ATOMS: atom_id res chain seq x y z
N HIS A 16 19.49 -11.57 8.55
CA HIS A 16 18.47 -11.45 7.47
C HIS A 16 17.06 -11.29 8.07
N MET A 17 16.37 -10.20 7.74
CA MET A 17 15.00 -9.98 8.22
C MET A 17 14.04 -11.04 7.66
N ALA A 18 13.03 -11.40 8.44
CA ALA A 18 12.08 -12.48 8.11
C ALA A 18 10.77 -11.97 7.48
N ILE A 19 10.75 -10.72 7.07
CA ILE A 19 9.59 -10.12 6.42
C ILE A 19 9.39 -10.77 5.06
N SER A 20 8.19 -11.24 4.77
CA SER A 20 7.89 -11.88 3.48
C SER A 20 7.20 -10.96 2.48
N HIS A 21 6.29 -10.09 2.93
CA HIS A 21 5.48 -9.29 2.02
C HIS A 21 4.71 -8.28 2.82
N VAL A 22 4.16 -7.29 2.14
CA VAL A 22 3.21 -6.36 2.74
C VAL A 22 1.91 -7.14 2.95
N GLN A 23 1.44 -7.26 4.18
CA GLN A 23 0.15 -7.88 4.44
C GLN A 23 -0.99 -6.99 3.96
N LEU A 24 -0.93 -5.72 4.34
CA LEU A 24 -1.99 -4.78 4.02
C LEU A 24 -1.46 -3.37 4.15
N PHE A 25 -2.20 -2.46 3.53
CA PHE A 25 -1.97 -1.03 3.73
C PHE A 25 -3.33 -0.33 3.74
N SER A 26 -3.33 0.94 4.10
CA SER A 26 -4.57 1.65 4.41
C SER A 26 -4.90 2.74 3.43
N VAL A 27 -6.19 2.85 3.14
CA VAL A 27 -6.73 3.83 2.22
C VAL A 27 -7.73 4.67 2.99
N PRO A 28 -7.52 5.99 3.06
CA PRO A 28 -8.33 6.86 3.91
C PRO A 28 -9.64 7.26 3.23
N VAL A 29 -10.76 6.92 3.85
CA VAL A 29 -12.07 7.19 3.31
C VAL A 29 -12.92 7.92 4.34
N SER A 30 -14.07 8.44 3.90
CA SER A 30 -15.01 9.10 4.82
C SER A 30 -16.19 8.17 5.08
N ASP A 31 -17.10 8.04 4.13
CA ASP A 31 -18.24 7.16 4.27
C ASP A 31 -17.75 5.74 3.93
N GLN A 32 -17.59 4.90 4.95
CA GLN A 32 -17.06 3.56 4.74
C GLN A 32 -18.02 2.65 4.02
N GLU A 33 -19.32 2.83 4.19
CA GLU A 33 -20.27 2.02 3.44
C GLU A 33 -20.20 2.32 1.94
N LYS A 34 -20.11 3.58 1.59
CA LYS A 34 -19.96 3.98 0.20
C LYS A 34 -18.64 3.47 -0.38
N ALA A 35 -17.57 3.58 0.40
CA ALA A 35 -16.28 3.05 -0.04
C ALA A 35 -16.34 1.52 -0.25
N LYS A 36 -16.97 0.81 0.67
CA LYS A 36 -17.16 -0.63 0.52
C LYS A 36 -17.78 -0.97 -0.79
N ASP A 37 -18.90 -0.32 -1.07
CA ASP A 37 -19.60 -0.61 -2.30
C ASP A 37 -18.79 -0.26 -3.53
N PHE A 38 -18.06 0.84 -3.49
CA PHE A 38 -17.19 1.17 -4.61
C PHE A 38 -16.12 0.09 -4.85
N TYR A 39 -15.36 -0.27 -3.81
CA TYR A 39 -14.26 -1.21 -4.03
C TYR A 39 -14.75 -2.62 -4.36
N VAL A 40 -15.83 -3.07 -3.71
CA VAL A 40 -16.33 -4.42 -3.92
C VAL A 40 -17.18 -4.49 -5.19
N GLU A 41 -18.20 -3.65 -5.33
CA GLU A 41 -19.11 -3.78 -6.47
C GLU A 41 -18.54 -3.15 -7.74
N THR A 42 -17.99 -1.95 -7.64
CA THR A 42 -17.57 -1.23 -8.82
C THR A 42 -16.20 -1.68 -9.31
N VAL A 43 -15.23 -1.75 -8.40
CA VAL A 43 -13.89 -2.18 -8.78
C VAL A 43 -13.73 -3.71 -8.78
N GLY A 44 -14.65 -4.40 -8.12
CA GLY A 44 -14.68 -5.86 -8.17
C GLY A 44 -13.75 -6.55 -7.19
N PHE A 45 -13.29 -5.89 -6.13
CA PHE A 45 -12.47 -6.57 -5.13
C PHE A 45 -13.32 -7.53 -4.31
N ASP A 46 -12.67 -8.52 -3.73
CA ASP A 46 -13.27 -9.37 -2.72
C ASP A 46 -13.33 -8.64 -1.37
N LEU A 47 -14.43 -8.83 -0.65
CA LEU A 47 -14.56 -8.35 0.72
C LEU A 47 -13.94 -9.40 1.64
N LEU A 48 -12.80 -9.11 2.22
CA LEU A 48 -12.16 -10.06 3.12
C LEU A 48 -12.72 -10.05 4.50
N ALA A 49 -13.03 -8.87 5.03
CA ALA A 49 -13.51 -8.74 6.40
C ALA A 49 -14.27 -7.45 6.56
N ASP A 50 -15.28 -7.49 7.44
CA ASP A 50 -16.03 -6.31 7.81
C ASP A 50 -16.49 -6.51 9.24
N GLN A 51 -15.72 -6.00 10.19
CA GLN A 51 -15.95 -6.31 11.60
C GLN A 51 -15.44 -5.19 12.47
N PRO A 52 -15.77 -5.21 13.79
CA PRO A 52 -15.19 -4.18 14.66
C PRO A 52 -13.68 -4.30 14.81
N GLY A 53 -13.00 -3.17 14.76
CA GLY A 53 -11.56 -3.10 14.98
C GLY A 53 -11.24 -2.23 16.18
N VAL A 54 -9.95 -2.15 16.47
CA VAL A 54 -9.46 -1.38 17.62
C VAL A 54 -9.81 0.11 17.50
N HIS A 55 -9.82 0.65 16.27
CA HIS A 55 -9.98 2.08 16.05
C HIS A 55 -11.25 2.48 15.31
N GLY A 56 -12.09 1.50 14.98
CA GLY A 56 -13.26 1.76 14.15
C GLY A 56 -13.65 0.51 13.42
N ARG A 57 -14.50 0.68 12.42
CA ARG A 57 -14.96 -0.43 11.59
C ARG A 57 -13.81 -0.89 10.68
N TRP A 58 -13.45 -2.15 10.80
CA TRP A 58 -12.37 -2.76 10.02
C TRP A 58 -12.97 -3.35 8.75
N LEU A 59 -12.64 -2.73 7.61
N LEU A 59 -12.67 -2.70 7.62
CA LEU A 59 -13.23 -3.05 6.33
CA LEU A 59 -13.21 -3.06 6.31
C LEU A 59 -12.06 -3.31 5.39
C LEU A 59 -12.05 -3.33 5.40
N GLN A 60 -11.90 -4.57 4.98
CA GLN A 60 -10.70 -5.02 4.30
C GLN A 60 -11.08 -5.70 3.00
N VAL A 61 -10.41 -5.29 1.91
CA VAL A 61 -10.76 -5.73 0.55
C VAL A 61 -9.47 -6.08 -0.19
N ALA A 62 -9.59 -6.90 -1.22
CA ALA A 62 -8.43 -7.23 -2.05
C ALA A 62 -8.87 -7.80 -3.36
N PRO A 63 -8.06 -7.64 -4.41
CA PRO A 63 -8.25 -8.48 -5.60
C PRO A 63 -8.23 -9.95 -5.19
N LYS A 64 -9.15 -10.73 -5.73
CA LYS A 64 -9.29 -12.13 -5.30
C LYS A 64 -7.97 -12.87 -5.39
N GLY A 65 -7.57 -13.49 -4.28
CA GLY A 65 -6.38 -14.29 -4.24
C GLY A 65 -5.08 -13.56 -4.00
N ALA A 66 -5.13 -12.24 -3.86
CA ALA A 66 -3.90 -11.45 -3.72
C ALA A 66 -3.36 -11.53 -2.31
N ASP A 67 -2.05 -11.42 -2.20
CA ASP A 67 -1.37 -11.46 -0.91
C ASP A 67 -1.50 -10.18 -0.10
N THR A 68 -1.54 -9.04 -0.78
CA THR A 68 -1.59 -7.74 -0.11
C THR A 68 -2.99 -7.14 -0.25
N SER A 69 -3.60 -6.82 0.88
CA SER A 69 -4.94 -6.29 0.90
C SER A 69 -4.96 -4.81 1.33
N LEU A 70 -6.15 -4.21 1.25
CA LEU A 70 -6.38 -2.79 1.56
C LEU A 70 -7.38 -2.70 2.66
N VAL A 71 -7.13 -1.77 3.59
CA VAL A 71 -8.10 -1.52 4.66
C VAL A 71 -8.62 -0.10 4.45
N LEU A 72 -9.94 0.04 4.47
CA LEU A 72 -10.61 1.31 4.14
C LEU A 72 -10.90 2.00 5.48
N VAL A 73 -10.01 2.89 5.88
CA VAL A 73 -9.93 3.42 7.25
C VAL A 73 -10.42 4.83 7.33
N ASP A 74 -10.79 5.26 8.53
CA ASP A 74 -11.15 6.67 8.74
C ASP A 74 -10.55 7.27 9.98
N TRP A 75 -9.54 6.63 10.56
CA TRP A 75 -9.07 6.97 11.92
C TRP A 75 -7.65 7.49 11.97
N PHE A 76 -7.03 7.85 10.84
CA PHE A 76 -5.69 8.42 10.86
C PHE A 76 -5.73 9.90 10.47
N PRO A 77 -5.58 10.81 11.47
CA PRO A 77 -5.61 12.25 11.16
C PRO A 77 -4.61 12.71 10.13
N THR A 78 -3.47 12.06 10.06
CA THR A 78 -2.45 12.43 9.09
C THR A 78 -2.78 11.93 7.67
N MET A 79 -3.86 11.15 7.51
CA MET A 79 -4.33 10.67 6.20
C MET A 79 -5.78 11.12 6.03
N PRO A 80 -5.99 12.36 5.58
CA PRO A 80 -7.36 12.82 5.37
C PRO A 80 -8.10 11.97 4.33
N PRO A 81 -9.42 11.87 4.44
CA PRO A 81 -10.15 11.14 3.40
C PRO A 81 -9.81 11.62 2.00
N GLY A 82 -9.55 10.68 1.10
CA GLY A 82 -9.32 11.03 -0.28
C GLY A 82 -7.93 11.53 -0.61
N SER A 83 -6.99 11.46 0.33
CA SER A 83 -5.65 12.02 0.14
C SER A 83 -4.66 11.09 -0.53
N LEU A 84 -5.00 9.81 -0.68
CA LEU A 84 -4.03 8.87 -1.19
C LEU A 84 -3.80 9.01 -2.69
N ARG A 85 -2.55 8.87 -3.09
CA ARG A 85 -2.11 8.90 -4.48
C ARG A 85 -1.08 7.78 -4.67
N GLY A 86 -0.78 7.49 -5.93
CA GLY A 86 0.33 6.61 -6.22
C GLY A 86 0.11 5.13 -5.94
N LEU A 87 -1.15 4.69 -6.02
CA LEU A 87 -1.55 3.31 -5.85
C LEU A 87 -1.76 2.73 -7.24
N LEU A 88 -1.05 1.66 -7.60
CA LEU A 88 -1.13 1.07 -8.95
C LEU A 88 -1.55 -0.37 -8.83
N LEU A 89 -2.63 -0.73 -9.51
CA LEU A 89 -3.13 -2.10 -9.57
C LEU A 89 -2.64 -2.74 -10.85
N ARG A 90 -2.10 -3.95 -10.74
CA ARG A 90 -1.74 -4.72 -11.92
C ARG A 90 -2.98 -5.41 -12.49
N THR A 91 -3.16 -5.29 -13.81
CA THR A 91 -4.24 -5.95 -14.49
C THR A 91 -3.74 -6.70 -15.72
N ASP A 92 -4.41 -7.81 -16.00
CA ASP A 92 -4.14 -8.61 -17.19
C ASP A 92 -4.87 -8.05 -18.42
N ASP A 93 -5.78 -7.10 -18.26
CA ASP A 93 -6.45 -6.48 -19.43
C ASP A 93 -6.93 -5.08 -19.08
N VAL A 94 -6.04 -4.13 -19.23
CA VAL A 94 -6.34 -2.72 -18.89
C VAL A 94 -7.45 -2.14 -19.76
N ASP A 95 -7.45 -2.45 -21.07
CA ASP A 95 -8.50 -1.94 -21.96
C ASP A 95 -9.87 -2.44 -21.52
N ALA A 96 -10.01 -3.73 -21.23
CA ALA A 96 -11.29 -4.26 -20.83
C ALA A 96 -11.71 -3.70 -19.47
N ASP A 97 -10.73 -3.51 -18.56
CA ASP A 97 -11.07 -2.98 -17.24
C ASP A 97 -11.54 -1.53 -17.33
N CYS A 98 -10.89 -0.74 -18.15
CA CYS A 98 -11.34 0.65 -18.38
C CYS A 98 -12.75 0.70 -18.96
N ALA A 99 -13.02 -0.17 -19.93
CA ALA A 99 -14.36 -0.22 -20.52
C ALA A 99 -15.41 -0.63 -19.46
N ARG A 100 -15.03 -1.55 -18.57
CA ARG A 100 -15.92 -1.94 -17.49
C ARG A 100 -16.19 -0.77 -16.51
N LEU A 101 -15.13 -0.08 -16.10
CA LEU A 101 -15.31 1.05 -15.18
C LEU A 101 -16.20 2.13 -15.80
N GLN A 102 -15.98 2.44 -17.08
CA GLN A 102 -16.83 3.41 -17.76
C GLN A 102 -18.29 2.98 -17.79
N GLU A 103 -18.53 1.70 -18.08
CA GLU A 103 -19.89 1.15 -18.06
C GLU A 103 -20.54 1.28 -16.71
N ARG A 104 -19.71 1.15 -15.66
CA ARG A 104 -20.16 1.22 -14.29
C ARG A 104 -20.25 2.64 -13.73
N GLY A 105 -20.05 3.66 -14.58
CA GLY A 105 -20.25 5.02 -14.14
C GLY A 105 -19.04 5.65 -13.50
N VAL A 106 -17.84 5.26 -13.92
CA VAL A 106 -16.61 5.84 -13.37
C VAL A 106 -15.83 6.52 -14.49
N ALA A 107 -15.36 7.71 -14.19
CA ALA A 107 -14.48 8.45 -15.09
C ALA A 107 -13.09 7.79 -15.12
N VAL A 108 -12.59 7.51 -16.30
CA VAL A 108 -11.27 6.89 -16.45
C VAL A 108 -10.45 7.76 -17.38
N ASP A 109 -9.24 8.08 -16.94
N ASP A 109 -9.25 8.14 -16.92
CA ASP A 109 -8.28 8.77 -17.78
CA ASP A 109 -8.25 8.79 -17.76
C ASP A 109 -7.35 7.70 -18.36
C ASP A 109 -7.35 7.72 -18.35
N GLY A 110 -7.38 7.56 -19.68
CA GLY A 110 -6.64 6.50 -20.38
C GLY A 110 -7.60 5.46 -20.91
N PRO A 111 -7.14 4.26 -21.25
CA PRO A 111 -5.74 3.85 -21.08
C PRO A 111 -4.82 4.45 -22.12
N LYS A 112 -3.57 4.64 -21.72
CA LYS A 112 -2.52 5.10 -22.64
C LYS A 112 -1.26 4.29 -22.39
N ASN A 113 -0.48 4.10 -23.44
CA ASN A 113 0.82 3.45 -23.31
C ASN A 113 1.78 4.34 -22.51
N THR A 114 2.64 3.73 -21.67
CA THR A 114 3.72 4.42 -20.91
C THR A 114 5.01 3.55 -20.87
N PRO A 115 6.15 4.09 -20.37
CA PRO A 115 7.38 3.29 -20.19
C PRO A 115 7.36 2.22 -19.09
N TRP A 116 6.47 2.37 -18.12
CA TRP A 116 6.28 1.39 -17.05
C TRP A 116 5.08 0.46 -17.35
N GLY A 117 4.42 0.67 -18.49
CA GLY A 117 3.29 -0.14 -18.96
C GLY A 117 2.11 0.71 -19.45
N ARG A 118 1.03 0.05 -19.89
CA ARG A 118 -0.20 0.71 -20.40
C ARG A 118 -1.13 0.95 -19.22
N GLN A 119 -1.39 2.22 -18.96
CA GLN A 119 -1.93 2.64 -17.69
C GLN A 119 -3.18 3.48 -17.83
N ALA A 120 -4.02 3.46 -16.80
CA ALA A 120 -5.17 4.34 -16.71
C ALA A 120 -5.30 4.77 -15.26
N MET A 121 -6.05 5.82 -15.02
CA MET A 121 -6.26 6.37 -13.68
C MET A 121 -7.73 6.66 -13.43
N PHE A 122 -8.18 6.44 -12.20
CA PHE A 122 -9.55 6.81 -11.80
C PHE A 122 -9.52 7.15 -10.32
N SER A 123 -10.62 7.65 -9.79
CA SER A 123 -10.67 7.95 -8.37
C SER A 123 -11.84 7.28 -7.69
N ASP A 124 -11.69 7.10 -6.37
CA ASP A 124 -12.76 6.58 -5.55
C ASP A 124 -13.67 7.72 -5.07
N PRO A 125 -14.73 7.42 -4.31
CA PRO A 125 -15.68 8.45 -3.93
C PRO A 125 -15.11 9.60 -3.12
N ASP A 126 -14.01 9.37 -2.41
CA ASP A 126 -13.36 10.43 -1.65
C ASP A 126 -12.31 11.19 -2.42
N GLY A 127 -11.90 10.68 -3.57
CA GLY A 127 -10.86 11.28 -4.37
C GLY A 127 -9.51 10.60 -4.27
N ASN A 128 -9.37 9.47 -3.56
CA ASN A 128 -8.13 8.70 -3.64
C ASN A 128 -7.94 8.26 -5.09
N VAL A 129 -6.72 8.36 -5.59
CA VAL A 129 -6.43 8.12 -7.02
C VAL A 129 -5.81 6.74 -7.20
N ILE A 130 -6.44 5.96 -8.04
CA ILE A 130 -6.09 4.57 -8.26
C ILE A 130 -5.64 4.43 -9.71
N GLY A 131 -4.49 3.79 -9.93
CA GLY A 131 -4.03 3.45 -11.26
C GLY A 131 -4.24 2.00 -11.60
N LEU A 132 -4.36 1.75 -12.91
CA LEU A 132 -4.33 0.42 -13.48
C LEU A 132 -3.12 0.34 -14.37
N ASN A 133 -2.44 -0.81 -14.36
CA ASN A 133 -1.31 -1.03 -15.25
C ASN A 133 -1.28 -2.44 -15.77
N GLN A 134 -1.24 -2.58 -17.10
CA GLN A 134 -0.94 -3.83 -17.77
C GLN A 134 0.48 -3.74 -18.31
N PRO A 135 1.43 -4.46 -17.69
CA PRO A 135 2.82 -4.39 -18.16
C PRO A 135 2.99 -4.95 -19.57
N SER A 136 4.05 -4.50 -20.26
CA SER A 136 4.37 -5.00 -21.60
C SER A 136 4.79 -6.48 -21.57
N HIS B 16 -16.43 -10.19 -13.75
CA HIS B 16 -15.20 -9.99 -12.93
C HIS B 16 -14.13 -9.11 -13.66
N MET B 17 -13.50 -8.21 -12.93
CA MET B 17 -12.37 -7.40 -13.45
C MET B 17 -11.10 -8.26 -13.62
N ALA B 18 -10.17 -7.81 -14.45
CA ALA B 18 -8.89 -8.53 -14.71
C ALA B 18 -7.72 -8.13 -13.82
N ILE B 19 -8.01 -7.31 -12.81
CA ILE B 19 -7.03 -6.90 -11.82
C ILE B 19 -6.56 -8.13 -11.05
N SER B 20 -5.25 -8.28 -10.92
CA SER B 20 -4.69 -9.42 -10.18
C SER B 20 -4.24 -9.09 -8.78
N HIS B 21 -3.61 -7.93 -8.60
CA HIS B 21 -3.02 -7.57 -7.32
C HIS B 21 -2.61 -6.11 -7.36
N VAL B 22 -2.31 -5.56 -6.19
CA VAL B 22 -1.69 -4.26 -6.12
C VAL B 22 -0.25 -4.39 -6.64
N GLN B 23 0.10 -3.69 -7.69
CA GLN B 23 1.48 -3.70 -8.15
C GLN B 23 2.40 -2.98 -7.16
N LEU B 24 1.98 -1.79 -6.76
CA LEU B 24 2.78 -0.96 -5.87
C LEU B 24 1.89 0.13 -5.27
N PHE B 25 2.39 0.66 -4.15
CA PHE B 25 1.76 1.82 -3.52
C PHE B 25 2.86 2.72 -3.01
N SER B 26 2.49 3.92 -2.63
CA SER B 26 3.45 4.98 -2.35
C SER B 26 3.59 5.32 -0.88
N VAL B 27 4.82 5.60 -0.47
CA VAL B 27 5.16 5.95 0.90
C VAL B 27 5.82 7.32 0.83
N PRO B 28 5.26 8.33 1.53
CA PRO B 28 5.75 9.69 1.38
C PRO B 28 6.94 9.97 2.28
N VAL B 29 8.05 10.35 1.65
CA VAL B 29 9.30 10.61 2.33
C VAL B 29 9.82 11.99 1.96
N SER B 30 10.84 12.45 2.70
CA SER B 30 11.49 13.74 2.43
C SER B 30 12.81 13.43 1.77
N ASP B 31 13.78 13.04 2.57
CA ASP B 31 15.10 12.72 2.07
C ASP B 31 15.05 11.29 1.53
N GLN B 32 15.08 11.17 0.20
CA GLN B 32 14.98 9.87 -0.45
C GLN B 32 16.20 9.00 -0.25
N GLU B 33 17.38 9.58 -0.11
CA GLU B 33 18.56 8.80 0.15
C GLU B 33 18.50 8.11 1.52
N LYS B 34 18.11 8.85 2.54
CA LYS B 34 17.95 8.32 3.87
C LYS B 34 16.82 7.30 3.90
N ALA B 35 15.76 7.54 3.16
CA ALA B 35 14.68 6.55 3.11
C ALA B 35 15.11 5.26 2.41
N LYS B 36 15.82 5.40 1.30
CA LYS B 36 16.36 4.23 0.59
C LYS B 36 17.19 3.38 1.51
N ASP B 37 18.15 4.01 2.19
CA ASP B 37 19.03 3.28 3.06
C ASP B 37 18.27 2.62 4.21
N PHE B 38 17.25 3.28 4.72
CA PHE B 38 16.44 2.69 5.78
C PHE B 38 15.71 1.43 5.29
N TYR B 39 14.98 1.54 4.19
CA TYR B 39 14.19 0.39 3.75
C TYR B 39 15.05 -0.76 3.28
N VAL B 40 16.17 -0.45 2.62
CA VAL B 40 17.04 -1.50 2.09
C VAL B 40 17.92 -2.07 3.21
N GLU B 41 18.68 -1.23 3.87
CA GLU B 41 19.69 -1.72 4.81
C GLU B 41 19.11 -2.08 6.17
N THR B 42 18.20 -1.27 6.69
CA THR B 42 17.66 -1.52 8.01
C THR B 42 16.52 -2.50 7.98
N VAL B 43 15.55 -2.28 7.10
CA VAL B 43 14.39 -3.18 7.06
C VAL B 43 14.67 -4.44 6.22
N GLY B 44 15.67 -4.37 5.34
CA GLY B 44 16.08 -5.54 4.59
C GLY B 44 15.36 -5.77 3.28
N PHE B 45 14.67 -4.75 2.73
CA PHE B 45 14.03 -4.89 1.43
C PHE B 45 15.08 -4.91 0.34
N ASP B 46 14.70 -5.50 -0.80
CA ASP B 46 15.49 -5.36 -2.02
C ASP B 46 15.19 -4.02 -2.69
N LEU B 47 16.22 -3.44 -3.32
CA LEU B 47 16.04 -2.28 -4.18
C LEU B 47 15.67 -2.78 -5.56
N LEU B 48 14.48 -2.46 -6.03
CA LEU B 48 14.02 -2.86 -7.35
C LEU B 48 14.35 -1.85 -8.44
N ALA B 49 14.35 -0.56 -8.12
CA ALA B 49 14.60 0.46 -9.14
C ALA B 49 15.05 1.72 -8.45
N ASP B 50 15.96 2.46 -9.10
CA ASP B 50 16.39 3.78 -8.64
C ASP B 50 16.75 4.53 -9.91
N GLN B 51 15.80 5.30 -10.44
CA GLN B 51 15.93 5.82 -11.79
C GLN B 51 15.06 7.05 -11.96
N PRO B 52 15.27 7.80 -13.06
CA PRO B 52 14.42 8.96 -13.26
C PRO B 52 12.96 8.57 -13.48
N GLY B 53 12.07 9.35 -12.88
CA GLY B 53 10.63 9.20 -13.06
C GLY B 53 10.05 10.51 -13.54
N VAL B 54 8.76 10.47 -13.86
CA VAL B 54 8.04 11.64 -14.40
C VAL B 54 8.04 12.80 -13.41
N HIS B 55 7.79 12.50 -12.13
CA HIS B 55 7.59 13.51 -11.09
C HIS B 55 8.74 13.66 -10.12
N GLY B 56 9.80 12.90 -10.31
CA GLY B 56 10.92 12.87 -9.38
C GLY B 56 11.65 11.56 -9.52
N ARG B 57 12.58 11.32 -8.60
CA ARG B 57 13.37 10.10 -8.58
C ARG B 57 12.48 8.93 -8.19
N TRP B 58 12.45 7.92 -9.05
CA TRP B 58 11.66 6.71 -8.83
C TRP B 58 12.51 5.69 -8.08
N LEU B 59 12.12 5.45 -6.82
N LEU B 59 12.14 5.48 -6.80
CA LEU B 59 12.88 4.64 -5.87
CA LEU B 59 12.87 4.63 -5.88
C LEU B 59 11.91 3.57 -5.36
C LEU B 59 11.90 3.57 -5.37
N GLN B 60 12.14 2.33 -5.76
CA GLN B 60 11.17 1.25 -5.56
C GLN B 60 11.84 0.13 -4.78
N VAL B 61 11.18 -0.33 -3.71
CA VAL B 61 11.73 -1.34 -2.81
C VAL B 61 10.68 -2.36 -2.46
N ALA B 62 11.08 -3.58 -2.11
CA ALA B 62 10.12 -4.59 -1.68
C ALA B 62 10.84 -5.73 -0.99
N PRO B 63 10.12 -6.45 -0.11
CA PRO B 63 10.68 -7.71 0.38
C PRO B 63 10.99 -8.64 -0.79
N LYS B 64 12.08 -9.40 -0.69
CA LYS B 64 12.46 -10.30 -1.76
C LYS B 64 11.32 -11.26 -2.03
N GLY B 65 11.00 -11.37 -3.31
CA GLY B 65 10.00 -12.30 -3.81
C GLY B 65 8.55 -11.83 -3.73
N ALA B 66 8.29 -10.64 -3.21
CA ALA B 66 6.91 -10.17 -2.96
C ALA B 66 6.29 -9.60 -4.22
N ASP B 67 4.97 -9.80 -4.37
CA ASP B 67 4.25 -9.26 -5.51
C ASP B 67 4.09 -7.74 -5.48
N THR B 68 3.79 -7.19 -4.31
CA THR B 68 3.48 -5.78 -4.15
C THR B 68 4.70 -5.04 -3.62
N SER B 69 5.10 -3.99 -4.32
CA SER B 69 6.25 -3.18 -3.91
C SER B 69 5.81 -1.81 -3.42
N LEU B 70 6.80 -1.05 -2.95
CA LEU B 70 6.61 0.29 -2.38
C LEU B 70 7.46 1.26 -3.16
N VAL B 71 6.94 2.44 -3.40
N VAL B 71 6.94 2.45 -3.41
CA VAL B 71 7.68 3.54 -4.03
CA VAL B 71 7.74 3.51 -4.01
C VAL B 71 7.84 4.64 -3.00
C VAL B 71 7.84 4.65 -3.01
N LEU B 72 9.06 5.14 -2.84
CA LEU B 72 9.39 6.15 -1.83
C LEU B 72 9.35 7.50 -2.51
N VAL B 73 8.24 8.21 -2.35
CA VAL B 73 7.91 9.38 -3.19
C VAL B 73 7.99 10.66 -2.39
N ASP B 74 8.16 11.79 -3.09
CA ASP B 74 8.11 13.09 -2.42
C ASP B 74 7.26 14.11 -3.13
N TRP B 75 6.42 13.69 -4.06
CA TRP B 75 5.76 14.62 -4.99
C TRP B 75 4.25 14.71 -4.86
N PHE B 76 3.65 14.14 -3.80
CA PHE B 76 2.21 14.24 -3.61
C PHE B 76 1.91 15.19 -2.44
N PRO B 77 1.46 16.43 -2.74
CA PRO B 77 1.16 17.36 -1.65
C PRO B 77 0.13 16.86 -0.63
N THR B 78 -0.78 16.00 -1.05
CA THR B 78 -1.78 15.47 -0.12
C THR B 78 -1.24 14.36 0.79
N MET B 79 0.00 13.94 0.56
CA MET B 79 0.69 12.95 1.37
C MET B 79 2.00 13.56 1.87
N PRO B 80 1.94 14.33 2.97
CA PRO B 80 3.18 14.94 3.46
C PRO B 80 4.18 13.88 3.90
N PRO B 81 5.48 14.21 3.88
CA PRO B 81 6.43 13.23 4.37
C PRO B 81 6.08 12.71 5.73
N GLY B 82 6.15 11.41 5.91
CA GLY B 82 5.95 10.82 7.21
C GLY B 82 4.52 10.65 7.68
N SER B 83 3.54 10.90 6.79
CA SER B 83 2.13 10.92 7.16
C SER B 83 1.44 9.56 7.08
N LEU B 84 2.10 8.54 6.51
CA LEU B 84 1.44 7.25 6.30
C LEU B 84 1.34 6.48 7.60
N ARG B 85 0.21 5.79 7.73
CA ARG B 85 -0.09 4.92 8.86
C ARG B 85 -0.77 3.69 8.30
N GLY B 86 -0.88 2.67 9.13
CA GLY B 86 -1.69 1.50 8.75
C GLY B 86 -1.11 0.59 7.70
N LEU B 87 0.21 0.49 7.66
CA LEU B 87 0.95 -0.37 6.78
C LEU B 87 1.45 -1.53 7.60
N LEU B 88 1.09 -2.75 7.23
CA LEU B 88 1.45 -3.93 8.01
C LEU B 88 2.23 -4.91 7.16
N LEU B 89 3.42 -5.29 7.62
CA LEU B 89 4.25 -6.24 6.94
C LEU B 89 4.11 -7.60 7.59
N ARG B 90 3.92 -8.63 6.79
CA ARG B 90 3.93 -9.99 7.30
C ARG B 90 5.36 -10.46 7.51
N THR B 91 5.61 -11.07 8.67
CA THR B 91 6.90 -11.65 8.97
C THR B 91 6.73 -13.04 9.53
N ASP B 92 7.73 -13.87 9.23
CA ASP B 92 7.78 -15.23 9.76
C ASP B 92 8.40 -15.27 11.14
N ASP B 93 8.96 -14.17 11.63
CA ASP B 93 9.63 -14.17 12.93
C ASP B 93 9.67 -12.77 13.48
N VAL B 94 8.55 -12.35 14.05
CA VAL B 94 8.45 -10.99 14.57
C VAL B 94 9.45 -10.72 15.70
N ASP B 95 9.65 -11.70 16.58
CA ASP B 95 10.55 -11.49 17.72
C ASP B 95 11.98 -11.26 17.25
N ALA B 96 12.46 -12.07 16.30
CA ALA B 96 13.84 -11.89 15.80
C ALA B 96 13.96 -10.63 14.98
N ASP B 97 12.93 -10.30 14.21
CA ASP B 97 12.94 -9.04 13.46
C ASP B 97 12.98 -7.82 14.37
N CYS B 98 12.21 -7.81 15.47
N CYS B 98 12.20 -7.84 15.46
CA CYS B 98 12.26 -6.66 16.35
CA CYS B 98 12.21 -6.72 16.37
C CYS B 98 13.63 -6.52 17.00
C CYS B 98 13.60 -6.54 17.00
N ALA B 99 14.26 -7.63 17.37
CA ALA B 99 15.62 -7.56 17.97
C ALA B 99 16.62 -7.02 16.95
N ARG B 100 16.51 -7.46 15.70
CA ARG B 100 17.34 -6.89 14.65
C ARG B 100 17.13 -5.39 14.47
N LEU B 101 15.88 -4.96 14.45
CA LEU B 101 15.61 -3.55 14.33
C LEU B 101 16.22 -2.74 15.48
N GLN B 102 16.05 -3.27 16.69
CA GLN B 102 16.63 -2.62 17.89
C GLN B 102 18.15 -2.52 17.81
N GLU B 103 18.77 -3.59 17.35
CA GLU B 103 20.23 -3.57 17.17
C GLU B 103 20.68 -2.54 16.14
N ARG B 104 19.79 -2.25 15.19
CA ARG B 104 20.04 -1.26 14.13
C ARG B 104 19.59 0.14 14.53
N GLY B 105 19.23 0.35 15.80
CA GLY B 105 18.90 1.66 16.31
C GLY B 105 17.46 2.10 16.18
N VAL B 106 16.56 1.17 15.82
CA VAL B 106 15.13 1.50 15.65
C VAL B 106 14.40 1.29 16.95
N ALA B 107 13.59 2.27 17.34
CA ALA B 107 12.68 2.14 18.47
C ALA B 107 11.47 1.30 18.09
N VAL B 108 11.28 0.19 18.76
CA VAL B 108 10.16 -0.71 18.45
C VAL B 108 9.17 -0.70 19.59
N ASP B 109 7.89 -0.60 19.27
CA ASP B 109 6.79 -0.76 20.23
C ASP B 109 6.29 -2.17 20.10
N GLY B 110 6.48 -2.99 21.13
CA GLY B 110 6.13 -4.38 21.09
C GLY B 110 7.36 -5.28 21.07
N PRO B 111 7.22 -6.52 20.63
CA PRO B 111 5.96 -7.07 20.13
C PRO B 111 4.92 -7.28 21.23
N LYS B 112 3.67 -7.36 20.81
CA LYS B 112 2.56 -7.64 21.71
C LYS B 112 1.65 -8.64 21.03
N ASN B 113 1.08 -9.55 21.83
CA ASN B 113 0.12 -10.48 21.29
C ASN B 113 -1.23 -9.80 21.11
N THR B 114 -1.87 -10.12 19.99
CA THR B 114 -3.19 -9.60 19.63
C THR B 114 -4.06 -10.78 19.27
N PRO B 115 -5.37 -10.55 19.06
CA PRO B 115 -6.23 -11.58 18.48
C PRO B 115 -5.90 -12.01 17.04
N TRP B 116 -5.20 -11.16 16.27
CA TRP B 116 -4.90 -11.44 14.84
C TRP B 116 -3.40 -11.64 14.54
N GLY B 117 -2.62 -12.06 15.54
CA GLY B 117 -1.16 -12.26 15.41
C GLY B 117 -0.33 -11.39 16.36
N ARG B 118 0.96 -11.71 16.51
CA ARG B 118 1.89 -11.01 17.39
C ARG B 118 2.47 -9.90 16.55
N GLN B 119 2.38 -8.68 17.07
CA GLN B 119 2.60 -7.49 16.26
C GLN B 119 3.50 -6.51 16.94
N ALA B 120 4.21 -5.73 16.14
CA ALA B 120 5.06 -4.68 16.65
C ALA B 120 4.91 -3.49 15.71
N MET B 121 5.34 -2.33 16.15
CA MET B 121 5.27 -1.12 15.36
C MET B 121 6.58 -0.36 15.46
N PHE B 122 6.97 0.30 14.39
CA PHE B 122 8.14 1.16 14.39
C PHE B 122 7.93 2.23 13.33
N SER B 123 8.77 3.26 13.35
CA SER B 123 8.67 4.33 12.36
C SER B 123 9.87 4.39 11.45
N ASP B 124 9.66 4.88 10.26
CA ASP B 124 10.75 5.17 9.33
C ASP B 124 11.34 6.55 9.64
N PRO B 125 12.37 6.99 8.90
CA PRO B 125 13.03 8.26 9.24
C PRO B 125 12.11 9.48 9.22
N ASP B 126 11.08 9.46 8.37
CA ASP B 126 10.12 10.56 8.28
C ASP B 126 8.97 10.50 9.26
N GLY B 127 8.78 9.36 9.94
CA GLY B 127 7.68 9.16 10.83
C GLY B 127 6.54 8.33 10.27
N ASN B 128 6.64 7.83 9.04
CA ASN B 128 5.64 6.83 8.60
C ASN B 128 5.69 5.64 9.55
N VAL B 129 4.53 5.12 9.92
CA VAL B 129 4.45 4.05 10.92
C VAL B 129 4.23 2.70 10.22
N ILE B 130 5.12 1.77 10.52
CA ILE B 130 5.16 0.45 9.90
C ILE B 130 4.88 -0.60 10.98
N GLY B 131 3.98 -1.53 10.67
CA GLY B 131 3.72 -2.65 11.56
C GLY B 131 4.38 -3.91 11.06
N LEU B 132 4.65 -4.82 11.99
CA LEU B 132 5.06 -6.18 11.70
C LEU B 132 4.01 -7.09 12.29
N ASN B 133 3.67 -8.14 11.59
CA ASN B 133 2.70 -9.11 12.08
C ASN B 133 3.14 -10.50 11.78
N GLN B 134 3.19 -11.34 12.80
CA GLN B 134 3.36 -12.76 12.63
C GLN B 134 2.06 -13.44 13.08
N PRO B 135 1.29 -14.00 12.13
CA PRO B 135 0.01 -14.59 12.54
C PRO B 135 0.18 -15.79 13.47
N SER B 136 -0.83 -16.03 14.31
CA SER B 136 -0.81 -17.12 15.31
C SER B 136 -0.50 -18.52 14.74
#